data_7N7B
#
_entry.id   7N7B
#
_cell.length_a   126.264
_cell.length_b   74.023
_cell.length_c   82.996
_cell.angle_alpha   90.000
_cell.angle_beta   114.010
_cell.angle_gamma   90.000
#
_symmetry.space_group_name_H-M   'C 1 2 1'
#
loop_
_entity.id
_entity.type
_entity.pdbx_description
1 polymer 'Formyl_trans_N domain-containing protein'
2 non-polymer 'N-{[4-({[(6R)-2-amino-5-formyl-4-oxo-1,4,5,6,7,8-hexahydropteridin-6-yl]methyl}amino)phenyl]carbonyl}-L-glutamic acid'
3 non-polymer '(3R,4S,5R,6R)-4-amino-3,5-dihydroxy-6-methyloxan-2-yl][hydroxy-[[(2R,3S,5R)-3-hydroxy-5-(5-methyl-2,4-dioxopyrimidin-1-yl)oxolan-2-yl]methoxy]phosphoryl] hydrogen phosphate'
4 non-polymer '2-(N-MORPHOLINO)-ETHANESULFONIC ACID'
5 non-polymer 1,2-ETHANEDIOL
6 water water
#
_entity_poly.entity_id   1
_entity_poly.type   'polypeptide(L)'
_entity_poly.pdbx_seq_one_letter_code
;MIKLCIAGKNNIAVNSLEYILKNHFKPDQVAVIPNKNDFGVDSWQKSLLHYAFNNHIKVITLEEAYELKQIIFFSLEFDR
IVKVEKFKSDKLFNMHFSALPKYKGVFTSITPILNNEVESGVTLHCIDNGIDTGNIIDQYIFPININDTARDLYFNYLSY
GEYLFKKNIQRIINNTYENFKQNNISSSYFSRQDININHKINFKKTSFEIHNQIRAFIFKEYQLPSINKTKIIKSTLTNE
FIGYNMFEEFEEYFMISGIDGFKIIAQKYNAELEHHHHHH
;
_entity_poly.pdbx_strand_id   A,B
#
loop_
_chem_comp.id
_chem_comp.type
_chem_comp.name
_chem_comp.formula
EDO non-polymer 1,2-ETHANEDIOL 'C2 H6 O2'
FON non-polymer 'N-{[4-({[(6R)-2-amino-5-formyl-4-oxo-1,4,5,6,7,8-hexahydropteridin-6-yl]methyl}amino)phenyl]carbonyl}-L-glutamic acid' 'C20 H23 N7 O7'
MES non-polymer '2-(N-MORPHOLINO)-ETHANESULFONIC ACID' 'C6 H13 N O4 S'
T3F non-polymer '(3R,4S,5R,6R)-4-amino-3,5-dihydroxy-6-methyloxan-2-yl][hydroxy-[[(2R,3S,5R)-3-hydroxy-5-(5-methyl-2,4-dioxopyrimidin-1-yl)oxolan-2-yl]methoxy]phosphoryl] hydrogen phosphate' 'C16 H27 N3 O14 P2'
#
# COMPACT_ATOMS: atom_id res chain seq x y z
N MET A 1 -42.21 -19.97 -8.95
CA MET A 1 -41.75 -18.56 -8.79
C MET A 1 -40.23 -18.50 -8.93
N ILE A 2 -39.70 -17.32 -9.20
CA ILE A 2 -38.23 -17.09 -9.25
C ILE A 2 -37.68 -17.06 -7.82
N LYS A 3 -36.79 -17.99 -7.49
CA LYS A 3 -36.16 -18.05 -6.15
C LYS A 3 -34.85 -17.29 -6.17
N LEU A 4 -34.17 -17.26 -7.32
CA LEU A 4 -32.78 -16.72 -7.38
C LEU A 4 -32.56 -16.02 -8.72
N CYS A 5 -31.86 -14.92 -8.64
CA CYS A 5 -31.45 -14.10 -9.81
C CYS A 5 -29.92 -13.98 -9.77
N ILE A 6 -29.22 -14.36 -10.83
CA ILE A 6 -27.78 -14.10 -11.00
C ILE A 6 -27.66 -12.86 -11.90
N ALA A 7 -27.05 -11.80 -11.41
CA ALA A 7 -26.76 -10.57 -12.19
C ALA A 7 -25.25 -10.48 -12.38
N GLY A 8 -24.82 -10.27 -13.62
CA GLY A 8 -23.38 -10.19 -13.93
C GLY A 8 -22.96 -10.98 -15.15
N LYS A 9 -21.71 -11.45 -15.14
CA LYS A 9 -21.00 -11.88 -16.38
C LYS A 9 -19.91 -12.90 -16.08
N ASN A 10 -19.38 -13.47 -17.17
CA ASN A 10 -18.12 -14.26 -17.22
C ASN A 10 -18.33 -15.59 -16.50
N ASN A 11 -17.26 -16.39 -16.40
CA ASN A 11 -17.37 -17.82 -15.99
C ASN A 11 -17.89 -17.89 -14.55
N ILE A 12 -17.70 -16.84 -13.75
CA ILE A 12 -18.17 -16.90 -12.33
C ILE A 12 -19.70 -16.90 -12.32
N ALA A 13 -20.33 -16.09 -13.16
CA ALA A 13 -21.81 -16.04 -13.25
C ALA A 13 -22.33 -17.33 -13.88
N VAL A 14 -21.76 -17.71 -15.03
CA VAL A 14 -22.23 -18.91 -15.77
C VAL A 14 -22.05 -20.15 -14.89
N ASN A 15 -20.87 -20.34 -14.30
CA ASN A 15 -20.56 -21.61 -13.58
C ASN A 15 -21.35 -21.68 -12.28
N SER A 16 -21.62 -20.53 -11.64
CA SER A 16 -22.47 -20.43 -10.44
C SER A 16 -23.92 -20.75 -10.80
N LEU A 17 -24.43 -20.25 -11.92
CA LEU A 17 -25.82 -20.55 -12.36
C LEU A 17 -25.93 -22.06 -12.66
N GLU A 18 -24.90 -22.64 -13.28
CA GLU A 18 -24.87 -24.10 -13.61
C GLU A 18 -24.94 -24.90 -12.31
N TYR A 19 -24.18 -24.51 -11.30
CA TYR A 19 -24.20 -25.11 -9.95
C TYR A 19 -25.61 -25.02 -9.33
N ILE A 20 -26.28 -23.88 -9.49
CA ILE A 20 -27.69 -23.74 -8.99
C ILE A 20 -28.58 -24.79 -9.66
N LEU A 21 -28.50 -24.90 -10.99
CA LEU A 21 -29.38 -25.82 -11.74
C LEU A 21 -29.14 -27.26 -11.31
N LYS A 22 -27.90 -27.66 -10.98
CA LYS A 22 -27.57 -29.07 -10.66
C LYS A 22 -27.96 -29.40 -9.23
N ASN A 23 -27.99 -28.42 -8.33
CA ASN A 23 -27.98 -28.69 -6.87
C ASN A 23 -29.14 -28.02 -6.13
N HIS A 24 -29.80 -27.00 -6.69
CA HIS A 24 -30.70 -26.15 -5.86
C HIS A 24 -32.06 -25.89 -6.52
N PHE A 25 -32.11 -25.34 -7.73
CA PHE A 25 -33.35 -24.78 -8.29
C PHE A 25 -33.47 -25.22 -9.74
N LYS A 26 -34.71 -25.31 -10.22
CA LYS A 26 -35.06 -25.62 -11.63
C LYS A 26 -34.90 -24.37 -12.49
N PRO A 27 -34.72 -24.53 -13.81
CA PRO A 27 -34.66 -23.40 -14.73
C PRO A 27 -35.76 -22.36 -14.54
N ASP A 28 -37.00 -22.81 -14.28
CA ASP A 28 -38.19 -21.92 -14.16
C ASP A 28 -38.10 -21.20 -12.82
N GLN A 29 -37.18 -21.58 -11.93
CA GLN A 29 -37.03 -20.91 -10.61
C GLN A 29 -35.86 -19.93 -10.60
N VAL A 30 -35.23 -19.67 -11.74
CA VAL A 30 -34.07 -18.75 -11.76
C VAL A 30 -34.20 -17.78 -12.93
N ALA A 31 -33.45 -16.69 -12.81
CA ALA A 31 -33.43 -15.61 -13.80
C ALA A 31 -32.04 -15.00 -13.81
N VAL A 32 -31.71 -14.29 -14.91
CA VAL A 32 -30.44 -13.55 -15.07
C VAL A 32 -30.74 -12.11 -15.42
N ILE A 33 -29.80 -11.27 -15.01
CA ILE A 33 -29.60 -9.87 -15.51
C ILE A 33 -28.18 -9.79 -16.02
N PRO A 34 -28.01 -9.82 -17.35
CA PRO A 34 -26.69 -9.83 -17.97
C PRO A 34 -26.11 -8.40 -17.92
N ASN A 35 -24.80 -8.30 -18.03
CA ASN A 35 -24.10 -6.99 -18.13
C ASN A 35 -24.40 -6.39 -19.52
N LYS A 36 -24.27 -5.08 -19.63
CA LYS A 36 -24.38 -4.33 -20.89
C LYS A 36 -23.38 -4.81 -21.95
N ASN A 37 -22.26 -5.43 -21.60
CA ASN A 37 -21.23 -5.90 -22.58
C ASN A 37 -21.57 -7.31 -23.11
N ASP A 38 -22.68 -7.91 -22.64
CA ASP A 38 -23.07 -9.28 -23.02
C ASP A 38 -23.96 -9.21 -24.26
N PHE A 39 -23.48 -9.73 -25.37
CA PHE A 39 -24.22 -9.81 -26.66
C PHE A 39 -24.54 -11.26 -27.00
N GLY A 40 -24.43 -12.18 -26.03
CA GLY A 40 -24.79 -13.59 -26.21
C GLY A 40 -23.73 -14.39 -26.95
N VAL A 41 -22.47 -13.94 -26.95
CA VAL A 41 -21.35 -14.57 -27.71
C VAL A 41 -20.26 -14.98 -26.73
N ASP A 42 -19.99 -16.27 -26.58
CA ASP A 42 -18.83 -16.76 -25.82
C ASP A 42 -17.56 -16.22 -26.48
N SER A 43 -16.58 -15.78 -25.67
CA SER A 43 -15.24 -15.40 -26.15
C SER A 43 -14.21 -15.93 -25.15
N TRP A 44 -13.33 -15.07 -24.64
CA TRP A 44 -12.30 -15.43 -23.64
C TRP A 44 -12.97 -15.70 -22.27
N GLN A 45 -14.24 -15.31 -22.14
CA GLN A 45 -15.13 -15.77 -21.04
C GLN A 45 -16.45 -16.21 -21.66
N LYS A 46 -17.19 -17.12 -21.01
CA LYS A 46 -18.56 -17.50 -21.43
C LYS A 46 -19.52 -16.31 -21.25
N SER A 47 -20.51 -16.21 -22.14
CA SER A 47 -21.64 -15.24 -22.14
C SER A 47 -22.78 -15.79 -21.28
N LEU A 48 -23.17 -15.08 -20.22
CA LEU A 48 -24.30 -15.52 -19.36
C LEU A 48 -25.60 -15.56 -20.18
N LEU A 49 -25.78 -14.63 -21.11
CA LEU A 49 -26.96 -14.57 -22.01
C LEU A 49 -26.99 -15.83 -22.88
N HIS A 50 -25.84 -16.21 -23.45
CA HIS A 50 -25.73 -17.44 -24.29
C HIS A 50 -26.12 -18.67 -23.45
N TYR A 51 -25.63 -18.73 -22.21
CA TYR A 51 -25.98 -19.85 -21.31
C TYR A 51 -27.49 -19.84 -21.04
N ALA A 52 -28.05 -18.68 -20.72
CA ALA A 52 -29.49 -18.57 -20.39
C ALA A 52 -30.30 -19.04 -21.61
N PHE A 53 -29.88 -18.70 -22.82
CA PHE A 53 -30.56 -19.09 -24.08
C PHE A 53 -30.59 -20.61 -24.18
N ASN A 54 -29.43 -21.25 -23.99
CA ASN A 54 -29.26 -22.71 -24.09
C ASN A 54 -30.04 -23.44 -23.00
N ASN A 55 -30.21 -22.84 -21.82
CA ASN A 55 -30.79 -23.52 -20.64
C ASN A 55 -32.22 -23.05 -20.34
N HIS A 56 -32.84 -22.33 -21.26
CA HIS A 56 -34.22 -21.82 -21.12
C HIS A 56 -34.36 -21.08 -19.79
N ILE A 57 -33.43 -20.17 -19.51
CA ILE A 57 -33.48 -19.29 -18.32
C ILE A 57 -33.96 -17.91 -18.78
N LYS A 58 -34.90 -17.36 -18.03
CA LYS A 58 -35.55 -16.06 -18.34
C LYS A 58 -34.55 -14.95 -18.00
N VAL A 59 -34.47 -13.93 -18.85
CA VAL A 59 -33.84 -12.63 -18.52
C VAL A 59 -34.90 -11.76 -17.84
N ILE A 60 -34.56 -11.11 -16.73
CA ILE A 60 -35.44 -10.12 -16.04
C ILE A 60 -34.72 -8.78 -16.00
N THR A 61 -35.49 -7.72 -15.77
CA THR A 61 -34.99 -6.36 -15.50
C THR A 61 -34.77 -6.25 -13.99
N LEU A 62 -33.91 -5.32 -13.61
CA LEU A 62 -33.66 -4.89 -12.22
C LEU A 62 -35.02 -4.45 -11.64
N GLU A 63 -35.82 -3.74 -12.43
CA GLU A 63 -37.16 -3.22 -12.02
C GLU A 63 -38.04 -4.42 -11.59
N GLU A 64 -38.03 -5.51 -12.35
CA GLU A 64 -38.76 -6.75 -11.98
C GLU A 64 -38.21 -7.40 -10.71
N ALA A 65 -36.89 -7.47 -10.56
CA ALA A 65 -36.23 -8.15 -9.42
C ALA A 65 -36.63 -7.45 -8.10
N TYR A 66 -36.83 -6.14 -8.16
CA TYR A 66 -37.30 -5.29 -7.02
C TYR A 66 -38.59 -5.85 -6.45
N GLU A 67 -39.49 -6.32 -7.32
CA GLU A 67 -40.87 -6.68 -6.93
C GLU A 67 -40.93 -8.14 -6.46
N LEU A 68 -39.87 -8.94 -6.63
CA LEU A 68 -39.95 -10.40 -6.29
C LEU A 68 -39.56 -10.59 -4.82
N LYS A 69 -40.55 -10.80 -3.96
CA LYS A 69 -40.31 -11.11 -2.54
C LYS A 69 -39.47 -12.36 -2.40
N GLN A 70 -38.61 -12.40 -1.39
CA GLN A 70 -37.83 -13.62 -1.05
C GLN A 70 -36.82 -13.96 -2.14
N ILE A 71 -36.68 -13.18 -3.21
CA ILE A 71 -35.66 -13.54 -4.23
C ILE A 71 -34.29 -13.44 -3.58
N ILE A 72 -33.41 -14.40 -3.87
CA ILE A 72 -31.97 -14.28 -3.58
C ILE A 72 -31.39 -13.56 -4.78
N PHE A 73 -30.94 -12.34 -4.59
CA PHE A 73 -30.30 -11.53 -5.66
C PHE A 73 -28.79 -11.63 -5.49
N PHE A 74 -28.12 -12.26 -6.44
CA PHE A 74 -26.66 -12.47 -6.36
C PHE A 74 -25.95 -11.78 -7.53
N SER A 75 -25.14 -10.79 -7.20
CA SER A 75 -24.22 -10.10 -8.14
C SER A 75 -22.90 -10.88 -8.24
N LEU A 76 -22.61 -11.38 -9.44
CA LEU A 76 -21.30 -11.95 -9.82
C LEU A 76 -20.78 -11.11 -11.00
N GLU A 77 -20.05 -10.06 -10.67
CA GLU A 77 -19.46 -9.03 -11.58
C GLU A 77 -20.56 -8.25 -12.29
N PHE A 78 -21.63 -7.94 -11.56
CA PHE A 78 -22.72 -7.08 -12.10
C PHE A 78 -22.15 -5.68 -12.28
N ASP A 79 -22.54 -5.04 -13.37
CA ASP A 79 -21.93 -3.75 -13.79
C ASP A 79 -22.69 -2.52 -13.22
N ARG A 80 -23.75 -2.71 -12.42
CA ARG A 80 -24.59 -1.58 -11.94
C ARG A 80 -24.72 -1.54 -10.42
N ILE A 81 -24.67 -0.34 -9.85
CA ILE A 81 -24.95 -0.09 -8.41
C ILE A 81 -26.46 -0.09 -8.19
N VAL A 82 -26.94 -0.93 -7.27
CA VAL A 82 -28.38 -1.04 -6.96
C VAL A 82 -28.67 -0.21 -5.69
N LYS A 83 -29.92 0.22 -5.56
CA LYS A 83 -30.47 0.88 -4.35
C LYS A 83 -31.28 -0.16 -3.56
N VAL A 84 -30.79 -0.55 -2.39
CA VAL A 84 -31.32 -1.72 -1.64
C VAL A 84 -32.74 -1.40 -1.14
N GLU A 85 -33.12 -0.13 -0.96
CA GLU A 85 -34.51 0.23 -0.52
C GLU A 85 -35.49 -0.20 -1.61
N LYS A 86 -35.08 -0.23 -2.88
CA LYS A 86 -36.00 -0.56 -4.01
C LYS A 86 -36.40 -2.04 -3.99
N PHE A 87 -35.64 -2.90 -3.33
CA PHE A 87 -35.90 -4.36 -3.30
C PHE A 87 -36.90 -4.65 -2.19
N LYS A 88 -37.90 -5.49 -2.48
CA LYS A 88 -38.74 -6.12 -1.45
C LYS A 88 -37.91 -7.11 -0.62
N SER A 89 -37.02 -7.87 -1.27
CA SER A 89 -36.15 -8.85 -0.58
C SER A 89 -34.96 -8.13 0.06
N ASP A 90 -34.48 -8.66 1.19
CA ASP A 90 -33.18 -8.24 1.80
C ASP A 90 -32.13 -9.34 1.56
N LYS A 91 -32.37 -10.25 0.61
CA LYS A 91 -31.39 -11.32 0.35
C LYS A 91 -30.55 -10.93 -0.87
N LEU A 92 -29.64 -10.00 -0.64
CA LEU A 92 -28.88 -9.27 -1.69
C LEU A 92 -27.40 -9.53 -1.44
N PHE A 93 -26.74 -10.23 -2.37
CA PHE A 93 -25.32 -10.63 -2.20
C PHE A 93 -24.45 -10.22 -3.40
N ASN A 94 -23.17 -10.04 -3.11
CA ASN A 94 -22.12 -9.79 -4.11
C ASN A 94 -20.87 -10.55 -3.74
N MET A 95 -20.21 -11.07 -4.75
CA MET A 95 -18.82 -11.54 -4.68
C MET A 95 -17.94 -10.41 -5.17
N HIS A 96 -17.11 -9.90 -4.28
CA HIS A 96 -16.13 -8.82 -4.57
C HIS A 96 -14.75 -9.45 -4.75
N PHE A 97 -14.07 -9.05 -5.83
CA PHE A 97 -12.73 -9.52 -6.22
C PHE A 97 -11.61 -8.71 -5.54
N SER A 98 -11.57 -8.73 -4.21
CA SER A 98 -10.43 -8.28 -3.35
C SER A 98 -10.56 -8.87 -1.94
N ALA A 99 -9.50 -8.77 -1.15
CA ALA A 99 -9.49 -9.06 0.32
C ALA A 99 -10.11 -7.86 1.05
N LEU A 100 -11.43 -7.75 1.11
CA LEU A 100 -12.07 -6.61 1.83
C LEU A 100 -11.56 -6.58 3.27
N PRO A 101 -11.40 -5.41 3.93
CA PRO A 101 -11.87 -4.12 3.43
C PRO A 101 -11.01 -3.41 2.38
N LYS A 102 -9.90 -4.01 1.97
CA LYS A 102 -8.94 -3.42 1.02
C LYS A 102 -9.55 -3.46 -0.39
N TYR A 103 -9.26 -2.47 -1.21
CA TYR A 103 -9.44 -2.56 -2.70
C TYR A 103 -10.91 -2.74 -3.05
N LYS A 104 -11.77 -1.92 -2.43
CA LYS A 104 -13.13 -1.60 -2.90
C LYS A 104 -12.98 -0.89 -4.26
N GLY A 105 -14.06 -0.90 -5.05
CA GLY A 105 -14.18 -0.13 -6.29
C GLY A 105 -13.91 -1.04 -7.47
N VAL A 106 -13.06 -0.60 -8.39
CA VAL A 106 -12.91 -1.24 -9.73
C VAL A 106 -11.45 -1.57 -9.99
N PHE A 107 -11.20 -2.25 -11.11
CA PHE A 107 -9.84 -2.61 -11.57
C PHE A 107 -9.08 -3.40 -10.49
N THR A 108 -9.74 -4.34 -9.81
CA THR A 108 -9.12 -4.95 -8.62
C THR A 108 -8.06 -5.95 -9.02
N SER A 109 -7.96 -6.26 -10.32
CA SER A 109 -6.90 -7.11 -10.89
C SER A 109 -5.66 -6.24 -11.18
N ILE A 110 -5.79 -4.91 -11.16
CA ILE A 110 -4.67 -3.94 -11.30
C ILE A 110 -4.21 -3.43 -9.93
N THR A 111 -5.13 -2.91 -9.11
CA THR A 111 -4.82 -2.06 -7.93
C THR A 111 -3.97 -2.80 -6.91
N PRO A 112 -4.22 -4.07 -6.56
CA PRO A 112 -3.36 -4.73 -5.59
C PRO A 112 -1.92 -4.90 -6.09
N ILE A 113 -1.74 -5.20 -7.38
CA ILE A 113 -0.39 -5.41 -7.98
C ILE A 113 0.34 -4.06 -7.98
N LEU A 114 -0.30 -3.06 -8.57
CA LEU A 114 0.22 -1.68 -8.70
C LEU A 114 0.56 -1.12 -7.31
N ASN A 115 -0.14 -1.53 -6.26
CA ASN A 115 0.07 -1.04 -4.87
C ASN A 115 0.85 -2.07 -4.06
N ASN A 116 1.62 -2.93 -4.74
CA ASN A 116 2.78 -3.66 -4.15
C ASN A 116 2.32 -4.78 -3.22
N GLU A 117 1.13 -5.34 -3.42
CA GLU A 117 0.61 -6.45 -2.56
C GLU A 117 1.21 -7.78 -3.02
N VAL A 118 1.28 -8.77 -2.12
CA VAL A 118 1.73 -10.17 -2.40
C VAL A 118 0.58 -11.15 -2.12
N GLU A 119 -0.58 -10.65 -1.70
CA GLU A 119 -1.85 -11.43 -1.60
C GLU A 119 -3.04 -10.59 -2.02
N SER A 120 -4.09 -11.26 -2.46
CA SER A 120 -5.45 -10.70 -2.66
C SER A 120 -6.46 -11.69 -2.14
N GLY A 121 -7.72 -11.56 -2.55
CA GLY A 121 -8.78 -12.42 -2.00
C GLY A 121 -10.06 -12.20 -2.79
N VAL A 122 -11.04 -13.04 -2.53
CA VAL A 122 -12.46 -12.85 -2.98
C VAL A 122 -13.29 -12.75 -1.72
N THR A 123 -14.30 -11.88 -1.71
CA THR A 123 -15.10 -11.65 -0.48
C THR A 123 -16.58 -11.70 -0.86
N LEU A 124 -17.32 -12.62 -0.23
CA LEU A 124 -18.80 -12.75 -0.33
C LEU A 124 -19.37 -11.85 0.77
N HIS A 125 -20.23 -10.91 0.40
CA HIS A 125 -20.76 -9.88 1.33
C HIS A 125 -22.20 -9.57 0.93
N CYS A 126 -22.96 -9.07 1.90
CA CYS A 126 -24.28 -8.42 1.71
C CYS A 126 -24.10 -7.17 0.83
N ILE A 127 -24.98 -6.92 -0.13
CA ILE A 127 -25.05 -5.59 -0.79
C ILE A 127 -25.72 -4.64 0.21
N ASP A 128 -25.10 -3.48 0.43
CA ASP A 128 -25.75 -2.28 0.98
C ASP A 128 -25.58 -1.19 -0.07
N ASN A 129 -25.89 0.06 0.27
CA ASN A 129 -26.00 1.13 -0.74
C ASN A 129 -24.63 1.63 -1.18
N GLY A 130 -23.58 1.34 -0.41
CA GLY A 130 -22.21 1.75 -0.78
C GLY A 130 -21.57 0.78 -1.76
N ILE A 131 -20.41 1.16 -2.31
CA ILE A 131 -19.61 0.30 -3.23
C ILE A 131 -18.70 -0.58 -2.40
N ASP A 132 -19.10 -1.85 -2.25
CA ASP A 132 -18.28 -2.98 -1.74
C ASP A 132 -18.19 -2.86 -0.20
N THR A 133 -19.23 -2.27 0.42
CA THR A 133 -19.19 -1.75 1.82
C THR A 133 -19.92 -2.70 2.77
N GLY A 134 -20.76 -3.57 2.22
CA GLY A 134 -21.69 -4.41 2.97
C GLY A 134 -21.01 -5.46 3.82
N ASN A 135 -21.78 -6.06 4.74
CA ASN A 135 -21.22 -6.93 5.80
C ASN A 135 -20.67 -8.19 5.13
N ILE A 136 -19.51 -8.66 5.59
CA ILE A 136 -18.79 -9.85 5.07
C ILE A 136 -19.46 -11.13 5.61
N ILE A 137 -19.72 -12.08 4.72
CA ILE A 137 -20.23 -13.45 5.00
C ILE A 137 -19.03 -14.40 4.96
N ASP A 138 -18.15 -14.25 3.98
CA ASP A 138 -16.99 -15.17 3.84
C ASP A 138 -15.89 -14.52 3.01
N GLN A 139 -14.66 -14.98 3.23
CA GLN A 139 -13.49 -14.42 2.51
C GLN A 139 -12.49 -15.56 2.25
N TYR A 140 -11.84 -15.53 1.10
CA TYR A 140 -10.71 -16.43 0.78
C TYR A 140 -9.54 -15.61 0.26
N ILE A 141 -8.42 -15.65 0.99
CA ILE A 141 -7.17 -14.94 0.65
C ILE A 141 -6.22 -15.93 -0.02
N PHE A 142 -5.63 -15.51 -1.13
CA PHE A 142 -4.71 -16.34 -1.95
C PHE A 142 -3.53 -15.48 -2.37
N PRO A 143 -2.37 -16.08 -2.69
CA PRO A 143 -1.20 -15.31 -3.08
C PRO A 143 -1.29 -14.67 -4.47
N ILE A 144 -0.67 -13.51 -4.60
CA ILE A 144 -0.27 -12.96 -5.91
C ILE A 144 1.15 -13.49 -6.16
N ASN A 145 1.34 -14.28 -7.22
CA ASN A 145 2.68 -14.84 -7.56
C ASN A 145 3.50 -13.74 -8.21
N ILE A 146 4.82 -13.76 -7.99
CA ILE A 146 5.71 -12.59 -8.23
C ILE A 146 5.63 -12.16 -9.70
N ASN A 147 5.42 -13.09 -10.64
CA ASN A 147 5.27 -12.69 -12.06
C ASN A 147 3.82 -12.81 -12.54
N ASP A 148 2.82 -12.88 -11.64
CA ASP A 148 1.39 -12.81 -12.05
C ASP A 148 1.17 -11.49 -12.80
N THR A 149 0.33 -11.53 -13.83
CA THR A 149 -0.22 -10.31 -14.46
C THR A 149 -1.61 -10.04 -13.90
N ALA A 150 -2.17 -8.88 -14.24
CA ALA A 150 -3.56 -8.55 -13.91
C ALA A 150 -4.45 -9.69 -14.45
N ARG A 151 -4.12 -10.26 -15.62
CA ARG A 151 -4.96 -11.28 -16.27
C ARG A 151 -4.96 -12.56 -15.43
N ASP A 152 -3.78 -13.03 -15.01
CA ASP A 152 -3.61 -14.17 -14.08
C ASP A 152 -4.43 -13.92 -12.81
N LEU A 153 -4.31 -12.72 -12.23
CA LEU A 153 -5.00 -12.39 -10.95
C LEU A 153 -6.52 -12.46 -11.19
N TYR A 154 -6.97 -11.86 -12.28
CA TYR A 154 -8.39 -11.93 -12.70
C TYR A 154 -8.87 -13.38 -12.77
N PHE A 155 -8.12 -14.27 -13.45
CA PHE A 155 -8.54 -15.68 -13.63
C PHE A 155 -8.58 -16.33 -12.24
N ASN A 156 -7.71 -15.92 -11.33
CA ASN A 156 -7.75 -16.45 -9.93
C ASN A 156 -9.00 -15.94 -9.21
N TYR A 157 -9.39 -14.68 -9.40
CA TYR A 157 -10.62 -14.13 -8.78
C TYR A 157 -11.80 -14.95 -9.30
N LEU A 158 -11.83 -15.21 -10.61
CA LEU A 158 -12.88 -16.07 -11.23
C LEU A 158 -12.94 -17.43 -10.56
N SER A 159 -11.82 -18.12 -10.32
CA SER A 159 -11.89 -19.52 -9.79
C SER A 159 -12.15 -19.48 -8.31
N TYR A 160 -11.48 -18.62 -7.55
CA TYR A 160 -11.72 -18.49 -6.09
C TYR A 160 -13.13 -17.91 -5.84
N GLY A 161 -13.63 -16.99 -6.68
CA GLY A 161 -15.01 -16.48 -6.49
C GLY A 161 -16.06 -17.58 -6.67
N GLU A 162 -15.88 -18.38 -7.72
CA GLU A 162 -16.78 -19.51 -8.04
C GLU A 162 -16.75 -20.51 -6.87
N TYR A 163 -15.58 -20.80 -6.30
CA TYR A 163 -15.40 -21.74 -5.16
C TYR A 163 -16.19 -21.23 -3.95
N LEU A 164 -16.10 -19.93 -3.71
CA LEU A 164 -16.65 -19.36 -2.44
C LEU A 164 -18.17 -19.30 -2.54
N PHE A 165 -18.66 -19.02 -3.74
CA PHE A 165 -20.10 -19.12 -4.03
C PHE A 165 -20.60 -20.55 -3.72
N LYS A 166 -19.93 -21.56 -4.28
CA LYS A 166 -20.40 -22.96 -4.13
C LYS A 166 -20.37 -23.32 -2.64
N LYS A 167 -19.44 -22.74 -1.90
CA LYS A 167 -19.22 -23.08 -0.48
C LYS A 167 -20.42 -22.62 0.35
N ASN A 168 -20.88 -21.41 0.07
CA ASN A 168 -21.76 -20.64 0.99
C ASN A 168 -23.22 -20.71 0.56
N ILE A 169 -23.53 -21.19 -0.64
CA ILE A 169 -24.86 -20.91 -1.27
C ILE A 169 -25.96 -21.68 -0.52
N GLN A 170 -25.66 -22.88 -0.02
CA GLN A 170 -26.64 -23.70 0.75
C GLN A 170 -27.04 -22.92 2.01
N ARG A 171 -26.05 -22.38 2.72
CA ARG A 171 -26.25 -21.59 3.96
C ARG A 171 -26.99 -20.29 3.63
N ILE A 172 -26.71 -19.68 2.47
CA ILE A 172 -27.49 -18.50 2.03
C ILE A 172 -28.94 -18.94 1.78
N ILE A 173 -29.16 -20.03 1.03
CA ILE A 173 -30.53 -20.53 0.77
C ILE A 173 -31.21 -20.88 2.10
N ASN A 174 -30.50 -21.40 3.10
CA ASN A 174 -31.16 -21.81 4.37
C ASN A 174 -31.23 -20.65 5.36
N ASN A 175 -30.78 -19.46 4.97
CA ASN A 175 -30.70 -18.28 5.89
C ASN A 175 -30.08 -18.72 7.21
N THR A 176 -28.94 -19.43 7.17
CA THR A 176 -28.15 -19.86 8.36
C THR A 176 -26.68 -19.46 8.16
N TYR A 177 -26.45 -18.22 7.70
CA TYR A 177 -25.12 -17.60 7.55
C TYR A 177 -25.08 -16.41 8.52
N GLU A 178 -23.89 -16.14 9.08
CA GLU A 178 -23.54 -14.89 9.77
C GLU A 178 -23.02 -13.83 8.78
N ASN A 179 -23.10 -12.56 9.18
CA ASN A 179 -22.42 -11.44 8.49
C ASN A 179 -21.74 -10.59 9.56
N PHE A 180 -20.67 -9.90 9.19
CA PHE A 180 -19.82 -9.08 10.08
C PHE A 180 -19.66 -7.73 9.40
N LYS A 181 -19.78 -6.63 10.13
CA LYS A 181 -19.46 -5.27 9.66
C LYS A 181 -18.01 -5.23 9.18
N GLN A 182 -17.75 -4.62 8.02
CA GLN A 182 -16.34 -4.37 7.62
C GLN A 182 -15.67 -3.42 8.60
N ASN A 183 -14.38 -3.57 8.80
CA ASN A 183 -13.53 -2.61 9.55
C ASN A 183 -13.50 -1.26 8.82
N ASN A 184 -13.38 -0.17 9.56
CA ASN A 184 -13.06 1.18 9.00
C ASN A 184 -11.55 1.25 8.69
N ILE A 185 -10.72 0.63 9.52
CA ILE A 185 -9.23 0.63 9.36
C ILE A 185 -8.93 -0.28 8.17
N SER A 186 -8.01 0.16 7.30
CA SER A 186 -7.48 -0.61 6.14
C SER A 186 -8.50 -0.69 5.01
N SER A 187 -9.60 0.04 5.11
CA SER A 187 -10.61 0.13 4.03
C SER A 187 -10.00 1.05 2.95
N SER A 188 -10.00 0.63 1.68
CA SER A 188 -9.36 1.37 0.57
C SER A 188 -10.25 1.22 -0.66
N TYR A 189 -10.14 2.14 -1.59
CA TYR A 189 -11.08 2.33 -2.69
C TYR A 189 -10.35 2.93 -3.89
N PHE A 190 -10.64 2.40 -5.08
CA PHE A 190 -10.13 2.93 -6.37
C PHE A 190 -11.26 3.00 -7.39
N SER A 191 -11.46 4.18 -7.96
CA SER A 191 -12.50 4.46 -8.99
C SER A 191 -11.83 4.35 -10.36
N ARG A 192 -12.62 4.24 -11.43
CA ARG A 192 -12.11 4.18 -12.83
C ARG A 192 -11.10 5.32 -13.02
N GLN A 193 -11.44 6.53 -12.56
CA GLN A 193 -10.62 7.76 -12.68
C GLN A 193 -9.26 7.58 -11.98
N ASP A 194 -9.13 6.64 -11.04
CA ASP A 194 -7.86 6.45 -10.27
C ASP A 194 -6.83 5.64 -11.07
N ILE A 195 -7.22 4.98 -12.14
CA ILE A 195 -6.29 4.16 -12.96
C ILE A 195 -6.14 4.80 -14.35
N ASN A 196 -4.90 5.04 -14.77
CA ASN A 196 -4.58 5.39 -16.18
C ASN A 196 -4.15 4.09 -16.85
N ILE A 197 -5.00 3.56 -17.72
CA ILE A 197 -4.76 2.32 -18.53
C ILE A 197 -3.50 2.49 -19.40
N ASN A 198 -3.14 3.71 -19.79
CA ASN A 198 -1.90 4.02 -20.54
C ASN A 198 -0.86 4.56 -19.54
N HIS A 199 -0.70 3.87 -18.41
CA HIS A 199 0.22 4.22 -17.29
C HIS A 199 1.63 4.53 -17.84
N LYS A 200 2.16 5.72 -17.53
CA LYS A 200 3.58 6.06 -17.82
C LYS A 200 4.42 5.52 -16.65
N ILE A 201 5.36 4.61 -16.93
CA ILE A 201 6.23 3.99 -15.89
C ILE A 201 7.08 5.07 -15.21
N ASN A 202 7.15 5.00 -13.89
CA ASN A 202 8.11 5.76 -13.05
C ASN A 202 9.27 4.81 -12.74
N PHE A 203 10.45 5.12 -13.30
CA PHE A 203 11.69 4.32 -13.13
C PHE A 203 12.43 4.73 -11.84
N LYS A 204 12.05 5.84 -11.19
CA LYS A 204 12.63 6.28 -9.88
C LYS A 204 11.84 5.57 -8.76
N LYS A 205 11.95 4.24 -8.81
CA LYS A 205 11.19 3.20 -8.07
C LYS A 205 12.04 1.94 -8.07
N THR A 206 11.76 1.03 -7.15
CA THR A 206 12.46 -0.28 -7.06
C THR A 206 12.11 -1.12 -8.28
N SER A 207 12.91 -2.16 -8.50
CA SER A 207 12.66 -3.23 -9.50
C SER A 207 11.26 -3.85 -9.29
N PHE A 208 10.96 -4.42 -8.13
CA PHE A 208 9.60 -4.86 -7.74
C PHE A 208 8.58 -3.86 -8.25
N GLU A 209 8.76 -2.57 -7.97
CA GLU A 209 7.74 -1.55 -8.32
C GLU A 209 7.69 -1.30 -9.84
N ILE A 210 8.83 -1.31 -10.54
CA ILE A 210 8.83 -1.13 -12.02
C ILE A 210 8.12 -2.35 -12.64
N HIS A 211 8.51 -3.55 -12.23
CA HIS A 211 7.81 -4.83 -12.53
C HIS A 211 6.28 -4.68 -12.38
N ASN A 212 5.85 -4.19 -11.22
CA ASN A 212 4.43 -4.08 -10.84
C ASN A 212 3.74 -3.10 -11.81
N GLN A 213 4.38 -1.98 -12.11
CA GLN A 213 3.85 -0.98 -13.07
C GLN A 213 3.69 -1.57 -14.48
N ILE A 214 4.44 -2.61 -14.82
CA ILE A 214 4.29 -3.29 -16.14
C ILE A 214 3.17 -4.35 -16.03
N ARG A 215 3.37 -5.32 -15.16
CA ARG A 215 2.54 -6.54 -15.08
C ARG A 215 1.10 -6.21 -14.65
N ALA A 216 0.87 -5.13 -13.89
CA ALA A 216 -0.48 -4.70 -13.46
C ALA A 216 -1.32 -4.33 -14.70
N PHE A 217 -0.69 -4.09 -15.86
CA PHE A 217 -1.42 -3.65 -17.07
C PHE A 217 -1.32 -4.67 -18.21
N ILE A 218 -0.75 -5.85 -17.98
CA ILE A 218 -0.74 -6.96 -18.96
C ILE A 218 -2.06 -7.75 -18.85
N PHE A 219 -2.98 -7.43 -19.76
CA PHE A 219 -4.32 -8.03 -19.91
C PHE A 219 -4.76 -7.84 -21.37
N LYS A 220 -4.26 -8.71 -22.23
CA LYS A 220 -4.17 -8.48 -23.70
C LYS A 220 -5.55 -8.15 -24.27
N GLU A 221 -6.63 -8.74 -23.74
CA GLU A 221 -8.02 -8.50 -24.23
C GLU A 221 -8.38 -7.03 -23.99
N TYR A 222 -7.69 -6.33 -23.10
CA TYR A 222 -7.95 -4.89 -22.86
C TYR A 222 -6.78 -4.07 -23.41
N GLN A 223 -5.56 -4.37 -22.96
CA GLN A 223 -4.37 -3.56 -23.34
C GLN A 223 -3.10 -4.28 -22.88
N LEU A 224 -1.99 -3.80 -23.41
CA LEU A 224 -0.65 -4.14 -22.93
C LEU A 224 0.05 -2.83 -22.60
N PRO A 225 1.01 -2.87 -21.67
CA PRO A 225 1.80 -1.68 -21.37
C PRO A 225 2.84 -1.55 -22.49
N SER A 226 3.31 -0.32 -22.71
CA SER A 226 4.33 0.07 -23.71
C SER A 226 5.55 0.63 -23.00
N ILE A 227 6.77 0.27 -23.42
CA ILE A 227 8.03 1.03 -23.15
C ILE A 227 8.61 1.47 -24.50
N ASN A 228 8.93 2.76 -24.64
CA ASN A 228 9.47 3.34 -25.90
C ASN A 228 8.56 2.91 -27.07
N LYS A 229 7.26 3.18 -26.95
CA LYS A 229 6.23 2.90 -27.99
C LYS A 229 6.29 1.42 -28.42
N THR A 230 6.64 0.51 -27.51
CA THR A 230 6.75 -0.95 -27.80
C THR A 230 5.96 -1.74 -26.76
N LYS A 231 4.96 -2.50 -27.21
CA LYS A 231 4.07 -3.31 -26.33
C LYS A 231 4.91 -4.36 -25.60
N ILE A 232 4.55 -4.61 -24.33
CA ILE A 232 5.19 -5.62 -23.46
C ILE A 232 4.19 -6.73 -23.20
N ILE A 233 4.57 -7.98 -23.47
CA ILE A 233 3.66 -9.16 -23.29
C ILE A 233 3.91 -9.80 -21.94
N LYS A 234 5.13 -9.70 -21.39
CA LYS A 234 5.49 -10.35 -20.10
C LYS A 234 6.59 -9.58 -19.38
N SER A 235 6.54 -9.59 -18.03
CA SER A 235 7.61 -9.07 -17.12
C SER A 235 8.02 -10.19 -16.16
N THR A 236 9.32 -10.42 -16.01
CA THR A 236 9.87 -11.40 -15.05
C THR A 236 10.81 -10.63 -14.11
N LEU A 237 10.60 -10.75 -12.79
CA LEU A 237 11.50 -10.20 -11.76
C LEU A 237 12.31 -11.34 -11.16
N THR A 238 13.63 -11.16 -11.06
CA THR A 238 14.55 -12.06 -10.30
C THR A 238 15.26 -11.22 -9.23
N ASN A 239 15.84 -11.87 -8.22
CA ASN A 239 16.69 -11.26 -7.16
C ASN A 239 18.16 -11.17 -7.62
N GLU A 240 18.46 -11.25 -8.91
CA GLU A 240 19.82 -11.05 -9.44
C GLU A 240 20.13 -9.55 -9.54
N PHE A 241 21.23 -9.10 -8.92
CA PHE A 241 21.72 -7.70 -8.95
C PHE A 241 22.49 -7.49 -10.26
N ILE A 242 22.14 -6.46 -11.04
CA ILE A 242 22.74 -6.10 -12.36
C ILE A 242 23.12 -4.61 -12.35
N GLY A 243 23.06 -4.00 -11.16
CA GLY A 243 23.37 -2.58 -10.95
C GLY A 243 22.10 -1.76 -10.82
N TYR A 244 22.24 -0.57 -10.26
CA TYR A 244 21.14 0.38 -10.00
C TYR A 244 20.75 1.10 -11.30
N ASN A 245 19.45 1.28 -11.52
CA ASN A 245 18.89 2.22 -12.54
C ASN A 245 19.37 1.83 -13.94
N MET A 246 19.52 0.52 -14.19
CA MET A 246 19.81 -0.03 -15.55
C MET A 246 18.56 0.12 -16.45
N PHE A 247 18.79 0.38 -17.74
CA PHE A 247 17.83 0.30 -18.85
C PHE A 247 18.61 -0.07 -20.12
N GLU A 248 18.45 -1.30 -20.62
CA GLU A 248 19.06 -1.81 -21.88
C GLU A 248 17.97 -2.41 -22.78
N GLU A 249 17.71 -1.77 -23.92
CA GLU A 249 16.75 -2.28 -24.95
C GLU A 249 17.50 -3.20 -25.94
N PHE A 250 17.19 -4.49 -25.90
CA PHE A 250 17.59 -5.49 -26.93
C PHE A 250 16.49 -5.57 -27.99
N GLU A 251 16.72 -6.39 -29.03
CA GLU A 251 15.80 -6.52 -30.20
C GLU A 251 14.44 -7.02 -29.71
N GLU A 252 14.40 -8.06 -28.87
CA GLU A 252 13.15 -8.76 -28.48
C GLU A 252 12.74 -8.45 -27.02
N TYR A 253 13.56 -7.72 -26.25
CA TYR A 253 13.29 -7.47 -24.81
C TYR A 253 14.13 -6.30 -24.27
N PHE A 254 13.58 -5.63 -23.25
CA PHE A 254 14.29 -4.66 -22.36
C PHE A 254 14.84 -5.41 -21.14
N MET A 255 16.04 -5.00 -20.67
CA MET A 255 16.59 -5.39 -19.34
C MET A 255 16.65 -4.14 -18.46
N ILE A 256 16.02 -4.22 -17.30
CA ILE A 256 15.69 -3.05 -16.43
C ILE A 256 15.98 -3.44 -14.98
N SER A 257 16.49 -2.46 -14.23
CA SER A 257 16.63 -2.50 -12.77
C SER A 257 16.23 -1.14 -12.21
N GLY A 258 15.65 -1.14 -11.01
CA GLY A 258 15.30 0.13 -10.34
C GLY A 258 16.38 0.54 -9.35
N ILE A 259 16.03 1.41 -8.39
CA ILE A 259 16.96 1.98 -7.37
C ILE A 259 17.65 0.85 -6.60
N ASP A 260 17.14 -0.38 -6.61
CA ASP A 260 17.73 -1.49 -5.81
C ASP A 260 18.38 -2.55 -6.68
N GLY A 261 18.28 -2.40 -8.01
CA GLY A 261 19.21 -3.01 -8.98
C GLY A 261 18.92 -4.45 -9.36
N PHE A 262 17.72 -4.96 -9.08
CA PHE A 262 17.35 -6.37 -9.38
C PHE A 262 16.82 -6.48 -10.81
N LYS A 263 17.03 -7.65 -11.41
CA LYS A 263 16.85 -7.87 -12.88
C LYS A 263 15.37 -8.01 -13.22
N ILE A 264 14.93 -7.15 -14.12
CA ILE A 264 13.62 -7.25 -14.82
C ILE A 264 13.90 -7.56 -16.30
N ILE A 265 13.26 -8.61 -16.83
CA ILE A 265 13.13 -8.81 -18.30
C ILE A 265 11.68 -8.48 -18.72
N ALA A 266 11.50 -7.39 -19.45
CA ALA A 266 10.27 -7.00 -20.17
C ALA A 266 10.32 -7.51 -21.62
N GLN A 267 9.52 -8.56 -21.92
CA GLN A 267 9.41 -9.23 -23.24
C GLN A 267 8.54 -8.39 -24.20
N LYS A 268 9.11 -8.01 -25.36
CA LYS A 268 8.39 -7.20 -26.36
C LYS A 268 7.32 -8.05 -27.04
N TYR A 269 6.31 -7.39 -27.62
CA TYR A 269 5.22 -7.98 -28.45
C TYR A 269 5.72 -8.10 -29.90
N MET B 1 42.80 8.91 18.96
CA MET B 1 42.36 8.29 17.69
C MET B 1 40.82 8.24 17.63
N ILE B 2 40.23 8.92 16.66
CA ILE B 2 38.75 8.89 16.42
C ILE B 2 38.37 7.46 16.06
N LYS B 3 37.54 6.82 16.90
CA LYS B 3 37.07 5.42 16.73
C LYS B 3 35.66 5.41 16.12
N LEU B 4 34.90 6.49 16.30
CA LEU B 4 33.46 6.53 15.93
C LEU B 4 33.05 7.96 15.59
N CYS B 5 32.31 8.08 14.50
CA CYS B 5 31.74 9.34 13.97
C CYS B 5 30.21 9.20 14.02
N ILE B 6 29.50 10.21 14.50
CA ILE B 6 28.02 10.28 14.32
C ILE B 6 27.74 11.41 13.34
N ALA B 7 27.19 11.02 12.20
CA ALA B 7 26.78 11.94 11.10
C ALA B 7 25.27 12.03 11.13
N GLY B 8 24.72 13.23 11.34
CA GLY B 8 23.26 13.43 11.32
C GLY B 8 22.79 14.43 12.34
N LYS B 9 21.57 14.21 12.85
CA LYS B 9 20.82 15.27 13.60
C LYS B 9 19.77 14.65 14.51
N ASN B 10 19.17 15.51 15.33
CA ASN B 10 17.93 15.26 16.11
C ASN B 10 18.28 14.28 17.25
N ASN B 11 17.28 13.92 18.05
CA ASN B 11 17.45 13.25 19.37
C ASN B 11 18.05 11.87 19.14
N ILE B 12 17.89 11.31 17.95
CA ILE B 12 18.46 9.96 17.67
C ILE B 12 19.99 10.10 17.65
N ALA B 13 20.50 11.14 17.00
CA ALA B 13 21.95 11.38 16.86
C ALA B 13 22.54 11.73 18.24
N VAL B 14 21.92 12.69 18.92
CA VAL B 14 22.35 13.22 20.24
C VAL B 14 22.33 12.10 21.28
N ASN B 15 21.19 11.42 21.46
CA ASN B 15 21.02 10.42 22.55
C ASN B 15 21.86 9.18 22.22
N SER B 16 22.06 8.89 20.93
CA SER B 16 22.99 7.82 20.49
C SER B 16 24.43 8.22 20.83
N LEU B 17 24.80 9.49 20.64
CA LEU B 17 26.16 9.98 20.97
C LEU B 17 26.35 9.92 22.49
N GLU B 18 25.35 10.39 23.25
CA GLU B 18 25.30 10.30 24.73
C GLU B 18 25.63 8.88 25.16
N TYR B 19 24.89 7.88 24.68
CA TYR B 19 25.06 6.45 25.07
C TYR B 19 26.46 5.98 24.72
N ILE B 20 27.07 6.53 23.67
CA ILE B 20 28.45 6.14 23.21
C ILE B 20 29.47 6.66 24.23
N LEU B 21 29.40 7.95 24.59
CA LEU B 21 30.25 8.60 25.61
C LEU B 21 30.07 7.90 26.96
N LYS B 22 28.89 7.32 27.20
CA LYS B 22 28.50 6.76 28.52
C LYS B 22 29.05 5.34 28.69
N ASN B 23 29.23 4.58 27.60
CA ASN B 23 29.39 3.10 27.69
C ASN B 23 30.51 2.53 26.81
N HIS B 24 31.16 3.32 25.93
CA HIS B 24 32.00 2.73 24.85
C HIS B 24 33.27 3.53 24.54
N PHE B 25 33.21 4.86 24.43
CA PHE B 25 34.33 5.67 23.93
C PHE B 25 34.44 6.95 24.75
N LYS B 26 35.61 7.60 24.71
CA LYS B 26 35.87 8.91 25.35
C LYS B 26 35.68 10.01 24.31
N PRO B 27 35.42 11.26 24.74
CA PRO B 27 35.21 12.39 23.84
C PRO B 27 36.23 12.50 22.69
N ASP B 28 37.49 12.20 22.97
CA ASP B 28 38.62 12.32 22.00
C ASP B 28 38.53 11.19 20.96
N GLN B 29 37.80 10.11 21.26
CA GLN B 29 37.60 8.94 20.37
C GLN B 29 36.39 9.11 19.42
N VAL B 30 35.67 10.24 19.49
CA VAL B 30 34.37 10.43 18.76
C VAL B 30 34.33 11.81 18.11
N ALA B 31 33.75 11.92 16.91
CA ALA B 31 33.51 13.22 16.24
C ALA B 31 32.09 13.25 15.66
N VAL B 32 31.60 14.45 15.33
CA VAL B 32 30.25 14.61 14.70
C VAL B 32 30.42 15.12 13.27
N ILE B 33 29.50 14.73 12.38
CA ILE B 33 29.25 15.46 11.10
C ILE B 33 27.80 15.93 11.09
N PRO B 34 27.56 17.24 11.29
CA PRO B 34 26.20 17.75 11.43
C PRO B 34 25.54 17.90 10.06
N ASN B 35 24.23 18.08 10.05
CA ASN B 35 23.49 18.36 8.80
C ASN B 35 23.64 19.85 8.47
N LYS B 36 23.50 20.21 7.20
CA LYS B 36 23.55 21.62 6.71
C LYS B 36 22.59 22.49 7.51
N ASN B 37 21.57 21.88 8.12
CA ASN B 37 20.45 22.55 8.81
C ASN B 37 20.82 22.83 10.29
N ASP B 38 21.97 22.35 10.77
CA ASP B 38 22.31 22.44 12.22
C ASP B 38 22.95 23.80 12.51
N PHE B 39 22.26 24.64 13.29
CA PHE B 39 22.75 25.97 13.72
C PHE B 39 22.84 26.01 15.25
N GLY B 40 23.29 24.91 15.85
CA GLY B 40 23.63 24.76 17.28
C GLY B 40 22.50 25.10 18.23
N VAL B 41 21.23 25.01 17.82
CA VAL B 41 20.07 25.41 18.67
C VAL B 41 19.15 24.21 18.92
N ASP B 42 18.86 23.94 20.19
CA ASP B 42 17.80 22.98 20.61
C ASP B 42 16.44 23.60 20.28
N SER B 43 15.47 22.81 19.79
CA SER B 43 14.07 23.26 19.62
C SER B 43 13.12 22.07 19.88
N TRP B 44 12.39 21.62 18.88
CA TRP B 44 11.49 20.44 18.98
C TRP B 44 12.35 19.17 18.93
N GLN B 45 13.60 19.29 18.47
CA GLN B 45 14.66 18.27 18.62
C GLN B 45 15.94 18.96 19.14
N LYS B 46 16.82 18.20 19.80
CA LYS B 46 18.13 18.71 20.29
C LYS B 46 19.10 18.82 19.10
N SER B 47 19.99 19.81 19.17
CA SER B 47 21.02 20.10 18.14
C SER B 47 22.24 19.25 18.45
N LEU B 48 22.70 18.43 17.49
CA LEU B 48 23.96 17.66 17.63
C LEU B 48 25.12 18.64 17.90
N LEU B 49 25.21 19.74 17.15
CA LEU B 49 26.32 20.71 17.31
C LEU B 49 26.33 21.26 18.74
N HIS B 50 25.14 21.58 19.26
CA HIS B 50 24.96 22.12 20.63
C HIS B 50 25.50 21.11 21.65
N TYR B 51 25.31 19.82 21.37
CA TYR B 51 25.72 18.71 22.27
C TYR B 51 27.24 18.59 22.22
N ALA B 52 27.81 18.66 21.01
CA ALA B 52 29.27 18.63 20.73
C ALA B 52 29.95 19.85 21.38
N PHE B 53 29.28 21.01 21.41
CA PHE B 53 29.73 22.25 22.11
C PHE B 53 29.84 21.94 23.61
N ASN B 54 28.69 21.65 24.24
CA ASN B 54 28.57 21.36 25.70
C ASN B 54 29.56 20.26 26.14
N ASN B 55 29.89 19.28 25.28
CA ASN B 55 30.68 18.08 25.67
C ASN B 55 32.07 18.06 25.02
N HIS B 56 32.51 19.17 24.42
CA HIS B 56 33.89 19.30 23.86
C HIS B 56 34.16 18.14 22.89
N ILE B 57 33.27 17.94 21.90
CA ILE B 57 33.38 16.92 20.81
C ILE B 57 33.69 17.66 19.50
N LYS B 58 34.65 17.17 18.71
CA LYS B 58 35.13 17.88 17.51
C LYS B 58 34.23 17.54 16.32
N VAL B 59 33.95 18.56 15.51
CA VAL B 59 33.36 18.44 14.15
C VAL B 59 34.48 18.01 13.20
N ILE B 60 34.19 17.00 12.38
CA ILE B 60 35.03 16.63 11.20
C ILE B 60 34.16 16.79 9.95
N THR B 61 34.80 16.74 8.78
CA THR B 61 34.16 16.70 7.45
C THR B 61 34.09 15.24 6.99
N LEU B 62 33.31 14.98 5.93
CA LEU B 62 33.31 13.71 5.16
C LEU B 62 34.72 13.40 4.66
N GLU B 63 35.38 14.37 4.01
CA GLU B 63 36.75 14.20 3.44
C GLU B 63 37.67 13.68 4.55
N GLU B 64 37.64 14.29 5.73
CA GLU B 64 38.39 13.80 6.92
C GLU B 64 37.97 12.35 7.21
N ALA B 65 36.66 12.09 7.31
CA ALA B 65 36.12 10.77 7.72
C ALA B 65 36.62 9.65 6.79
N TYR B 66 36.65 9.90 5.48
CA TYR B 66 37.12 8.95 4.44
C TYR B 66 38.53 8.40 4.76
N GLU B 67 39.43 9.28 5.24
CA GLU B 67 40.86 8.93 5.44
C GLU B 67 41.02 8.14 6.75
N LEU B 68 40.02 8.21 7.64
CA LEU B 68 40.12 7.60 9.00
C LEU B 68 39.92 6.09 8.90
N LYS B 69 41.02 5.37 8.71
CA LYS B 69 41.04 3.90 8.76
C LYS B 69 40.39 3.42 10.04
N GLN B 70 39.52 2.43 9.94
CA GLN B 70 38.94 1.65 11.07
C GLN B 70 37.80 2.43 11.74
N ILE B 71 37.50 3.65 11.31
CA ILE B 71 36.42 4.48 11.94
C ILE B 71 35.09 3.76 11.75
N ILE B 72 34.26 3.71 12.80
CA ILE B 72 32.81 3.36 12.70
C ILE B 72 32.04 4.63 12.34
N PHE B 73 31.44 4.64 11.15
CA PHE B 73 30.63 5.75 10.61
C PHE B 73 29.16 5.37 10.76
N PHE B 74 28.43 6.16 11.54
CA PHE B 74 26.98 6.01 11.82
C PHE B 74 26.25 7.23 11.30
N SER B 75 25.50 7.02 10.21
CA SER B 75 24.43 7.92 9.72
C SER B 75 23.20 7.74 10.60
N LEU B 76 22.83 8.79 11.32
CA LEU B 76 21.54 8.88 12.03
C LEU B 76 20.83 10.12 11.48
N GLU B 77 20.08 9.92 10.41
CA GLU B 77 19.39 10.99 9.65
C GLU B 77 20.42 11.95 9.06
N PHE B 78 21.59 11.45 8.65
CA PHE B 78 22.60 12.26 7.89
C PHE B 78 22.00 12.72 6.56
N ASP B 79 22.34 13.93 6.10
CA ASP B 79 21.67 14.56 4.93
C ASP B 79 22.46 14.27 3.64
N ARG B 80 23.70 13.78 3.72
CA ARG B 80 24.58 13.67 2.54
C ARG B 80 24.58 12.23 2.02
N ILE B 81 24.48 12.08 0.70
CA ILE B 81 24.71 10.80 -0.03
C ILE B 81 26.20 10.50 0.10
N VAL B 82 26.54 9.22 0.29
CA VAL B 82 27.91 8.76 0.65
C VAL B 82 28.28 7.61 -0.30
N LYS B 83 29.46 7.72 -0.94
CA LYS B 83 30.05 6.65 -1.78
C LYS B 83 31.01 5.85 -0.91
N VAL B 84 30.75 4.55 -0.77
CA VAL B 84 31.49 3.60 0.10
C VAL B 84 32.96 3.56 -0.34
N GLU B 85 33.20 3.48 -1.67
CA GLU B 85 34.53 3.49 -2.34
C GLU B 85 35.45 4.50 -1.62
N LYS B 86 34.97 5.73 -1.44
CA LYS B 86 35.75 6.87 -0.89
C LYS B 86 36.33 6.55 0.49
N PHE B 87 35.79 5.57 1.21
CA PHE B 87 36.10 5.33 2.65
C PHE B 87 37.18 4.24 2.77
N LYS B 88 38.21 4.50 3.58
CA LYS B 88 39.17 3.48 4.07
C LYS B 88 38.38 2.42 4.84
N SER B 89 37.52 2.85 5.74
CA SER B 89 36.67 1.96 6.57
C SER B 89 35.53 1.37 5.71
N ASP B 90 35.16 0.13 6.01
CA ASP B 90 33.95 -0.58 5.50
C ASP B 90 32.92 -0.74 6.64
N LYS B 91 33.06 0.01 7.73
CA LYS B 91 32.15 -0.05 8.92
C LYS B 91 31.25 1.20 8.87
N LEU B 92 30.40 1.19 7.84
CA LEU B 92 29.46 2.29 7.48
C LEU B 92 28.04 1.79 7.73
N PHE B 93 27.29 2.50 8.56
CA PHE B 93 25.97 2.09 9.06
C PHE B 93 24.99 3.27 9.04
N ASN B 94 23.74 2.90 8.83
CA ASN B 94 22.58 3.83 8.73
C ASN B 94 21.44 3.21 9.52
N MET B 95 20.75 4.06 10.28
CA MET B 95 19.40 3.75 10.80
C MET B 95 18.42 4.30 9.76
N HIS B 96 17.65 3.42 9.12
CA HIS B 96 16.58 3.82 8.17
C HIS B 96 15.20 3.78 8.85
N PHE B 97 14.41 4.82 8.64
CA PHE B 97 13.09 5.05 9.29
C PHE B 97 11.97 4.40 8.45
N SER B 98 12.05 3.09 8.26
CA SER B 98 11.00 2.23 7.67
C SER B 98 11.26 0.76 8.02
N ALA B 99 10.30 -0.09 7.71
CA ALA B 99 10.40 -1.56 7.84
C ALA B 99 10.94 -2.10 6.51
N LEU B 100 12.23 -1.94 6.24
CA LEU B 100 12.84 -2.41 4.96
C LEU B 100 12.47 -3.87 4.77
N PRO B 101 12.27 -4.34 3.51
CA PRO B 101 12.62 -3.55 2.32
C PRO B 101 11.66 -2.44 1.85
N LYS B 102 10.56 -2.20 2.55
CA LYS B 102 9.52 -1.19 2.15
C LYS B 102 9.98 0.23 2.49
N TYR B 103 9.49 1.19 1.72
CA TYR B 103 9.60 2.66 2.01
C TYR B 103 11.08 3.01 2.20
N LYS B 104 11.90 2.57 1.23
CA LYS B 104 13.22 3.16 0.94
C LYS B 104 12.96 4.61 0.55
N GLY B 105 13.99 5.46 0.69
CA GLY B 105 13.93 6.85 0.22
C GLY B 105 13.43 7.78 1.30
N VAL B 106 12.69 8.82 0.90
CA VAL B 106 12.48 10.04 1.73
C VAL B 106 11.05 10.09 2.27
N PHE B 107 10.82 11.02 3.20
CA PHE B 107 9.51 11.31 3.80
C PHE B 107 8.85 10.01 4.28
N THR B 108 9.58 9.16 5.01
CA THR B 108 9.06 7.87 5.53
C THR B 108 8.09 8.03 6.70
N SER B 109 7.86 9.25 7.19
CA SER B 109 6.83 9.59 8.20
C SER B 109 5.52 9.89 7.50
N ILE B 110 5.58 10.08 6.18
CA ILE B 110 4.42 10.44 5.32
C ILE B 110 4.00 9.25 4.47
N THR B 111 4.95 8.56 3.83
CA THR B 111 4.67 7.60 2.72
C THR B 111 3.86 6.40 3.22
N PRO B 112 4.21 5.78 4.37
CA PRO B 112 3.44 4.63 4.87
C PRO B 112 1.99 5.03 5.24
N ILE B 113 1.80 6.19 5.86
CA ILE B 113 0.42 6.63 6.19
C ILE B 113 -0.37 6.85 4.90
N LEU B 114 0.23 7.55 3.94
CA LEU B 114 -0.44 7.90 2.66
C LEU B 114 -0.77 6.62 1.88
N ASN B 115 0.04 5.57 2.02
CA ASN B 115 -0.14 4.27 1.32
C ASN B 115 -0.80 3.24 2.25
N ASN B 116 -1.55 3.72 3.25
CA ASN B 116 -2.58 2.94 3.98
C ASN B 116 -1.96 1.87 4.86
N GLU B 117 -0.74 2.08 5.38
CA GLU B 117 -0.08 1.09 6.28
C GLU B 117 -0.65 1.26 7.70
N VAL B 118 -0.61 0.18 8.47
CA VAL B 118 -0.96 0.14 9.91
C VAL B 118 0.25 -0.30 10.73
N GLU B 119 1.38 -0.57 10.07
CA GLU B 119 2.69 -0.82 10.72
C GLU B 119 3.75 0.01 9.98
N SER B 120 4.82 0.35 10.70
CA SER B 120 6.11 0.79 10.12
C SER B 120 7.24 0.15 10.94
N GLY B 121 8.44 0.68 10.82
CA GLY B 121 9.59 0.07 11.47
C GLY B 121 10.80 0.97 11.42
N VAL B 122 11.83 0.58 12.17
CA VAL B 122 13.19 1.15 12.05
C VAL B 122 14.12 0.00 11.68
N THR B 123 14.98 0.23 10.70
CA THR B 123 15.95 -0.77 10.19
C THR B 123 17.38 -0.22 10.26
N LEU B 124 18.20 -0.93 11.02
CA LEU B 124 19.67 -0.75 11.10
C LEU B 124 20.33 -1.59 10.01
N HIS B 125 21.00 -0.95 9.05
CA HIS B 125 21.65 -1.63 7.90
C HIS B 125 23.04 -1.05 7.60
N CYS B 126 23.82 -1.81 6.83
CA CYS B 126 25.11 -1.43 6.21
C CYS B 126 24.82 -0.44 5.10
N ILE B 127 25.63 0.61 4.98
CA ILE B 127 25.48 1.57 3.85
C ILE B 127 26.09 0.89 2.64
N ASP B 128 25.37 0.80 1.51
CA ASP B 128 26.01 0.53 0.20
C ASP B 128 25.74 1.76 -0.66
N ASN B 129 26.01 1.72 -1.96
CA ASN B 129 25.97 2.95 -2.79
C ASN B 129 24.52 3.26 -3.20
N GLY B 130 23.57 2.35 -2.95
CA GLY B 130 22.16 2.62 -3.28
C GLY B 130 21.44 3.37 -2.17
N ILE B 131 20.22 3.83 -2.44
CA ILE B 131 19.42 4.56 -1.40
C ILE B 131 18.72 3.50 -0.53
N ASP B 132 19.23 3.30 0.69
CA ASP B 132 18.62 2.46 1.76
C ASP B 132 18.57 1.00 1.32
N THR B 133 19.49 0.61 0.45
CA THR B 133 19.48 -0.71 -0.22
C THR B 133 20.34 -1.72 0.52
N GLY B 134 21.17 -1.28 1.47
CA GLY B 134 22.21 -2.11 2.09
C GLY B 134 21.66 -3.19 2.99
N ASN B 135 22.49 -4.17 3.31
CA ASN B 135 22.11 -5.39 4.06
C ASN B 135 21.71 -5.03 5.49
N ILE B 136 20.69 -5.72 6.00
CA ILE B 136 19.96 -5.45 7.27
C ILE B 136 20.66 -6.18 8.43
N ILE B 137 20.91 -5.46 9.52
CA ILE B 137 21.54 -6.04 10.74
C ILE B 137 20.41 -6.33 11.74
N ASP B 138 19.49 -5.38 11.93
CA ASP B 138 18.34 -5.61 12.85
C ASP B 138 17.13 -4.75 12.42
N GLN B 139 15.98 -5.00 13.03
CA GLN B 139 14.72 -4.30 12.67
C GLN B 139 13.75 -4.39 13.84
N TYR B 140 13.09 -3.27 14.16
CA TYR B 140 11.96 -3.22 15.09
C TYR B 140 10.73 -2.75 14.31
N ILE B 141 9.66 -3.56 14.34
CA ILE B 141 8.36 -3.29 13.66
C ILE B 141 7.40 -2.81 14.75
N PHE B 142 6.68 -1.71 14.49
CA PHE B 142 5.78 -1.14 15.50
C PHE B 142 4.52 -0.65 14.81
N PRO B 143 3.41 -0.49 15.56
CA PRO B 143 2.16 -0.06 14.94
C PRO B 143 2.19 1.42 14.58
N ILE B 144 1.56 1.77 13.46
CA ILE B 144 0.99 3.12 13.20
C ILE B 144 -0.39 3.13 13.88
N ASN B 145 -0.50 3.89 14.97
CA ASN B 145 -1.77 4.09 15.72
C ASN B 145 -2.74 4.78 14.76
N ILE B 146 -4.01 4.44 14.88
CA ILE B 146 -5.02 4.88 13.87
C ILE B 146 -5.02 6.40 13.69
N ASN B 147 -4.79 7.21 14.74
CA ASN B 147 -4.83 8.69 14.65
C ASN B 147 -3.43 9.31 14.71
N ASP B 148 -2.36 8.50 14.57
CA ASP B 148 -0.99 9.04 14.53
C ASP B 148 -0.92 10.06 13.39
N THR B 149 -0.27 11.17 13.61
CA THR B 149 0.15 12.10 12.53
C THR B 149 1.52 11.66 12.03
N ALA B 150 2.00 12.32 10.97
CA ALA B 150 3.36 12.08 10.43
C ALA B 150 4.37 12.45 11.52
N ARG B 151 4.13 13.54 12.25
CA ARG B 151 5.02 13.93 13.38
C ARG B 151 5.10 12.79 14.42
N ASP B 152 3.94 12.26 14.80
CA ASP B 152 3.86 11.16 15.79
C ASP B 152 4.72 9.99 15.30
N LEU B 153 4.63 9.68 14.02
CA LEU B 153 5.33 8.52 13.42
C LEU B 153 6.83 8.82 13.38
N TYR B 154 7.18 10.05 13.04
CA TYR B 154 8.58 10.51 13.08
C TYR B 154 9.14 10.42 14.50
N PHE B 155 8.36 10.80 15.51
CA PHE B 155 8.78 10.73 16.94
C PHE B 155 8.99 9.28 17.35
N ASN B 156 8.15 8.37 16.85
CA ASN B 156 8.32 6.92 17.11
C ASN B 156 9.58 6.42 16.40
N TYR B 157 9.88 6.88 15.17
CA TYR B 157 11.13 6.48 14.47
C TYR B 157 12.32 6.86 15.37
N LEU B 158 12.31 8.08 15.91
CA LEU B 158 13.43 8.60 16.76
C LEU B 158 13.60 7.67 17.98
N SER B 159 12.53 7.39 18.70
CA SER B 159 12.57 6.57 19.94
C SER B 159 13.00 5.13 19.62
N TYR B 160 12.33 4.47 18.68
CA TYR B 160 12.63 3.05 18.33
C TYR B 160 14.02 2.96 17.67
N GLY B 161 14.40 3.95 16.86
CA GLY B 161 15.76 4.02 16.25
C GLY B 161 16.83 4.14 17.32
N GLU B 162 16.63 5.03 18.29
CA GLU B 162 17.57 5.19 19.43
C GLU B 162 17.69 3.85 20.17
N TYR B 163 16.58 3.15 20.41
CA TYR B 163 16.54 1.83 21.08
C TYR B 163 17.31 0.80 20.26
N LEU B 164 17.06 0.74 18.95
CA LEU B 164 17.67 -0.26 18.05
C LEU B 164 19.18 -0.02 18.00
N PHE B 165 19.60 1.24 17.97
CA PHE B 165 21.02 1.65 17.96
C PHE B 165 21.71 1.13 19.22
N LYS B 166 21.08 1.33 20.37
CA LYS B 166 21.57 0.91 21.71
C LYS B 166 21.65 -0.61 21.79
N LYS B 167 20.61 -1.32 21.34
CA LYS B 167 20.57 -2.81 21.43
C LYS B 167 21.68 -3.40 20.56
N ASN B 168 22.18 -2.67 19.55
CA ASN B 168 23.00 -3.25 18.45
C ASN B 168 24.46 -2.79 18.51
N ILE B 169 24.74 -1.64 19.12
CA ILE B 169 26.07 -0.95 19.05
C ILE B 169 27.20 -1.88 19.53
N GLN B 170 26.96 -2.69 20.57
CA GLN B 170 28.03 -3.54 21.18
C GLN B 170 28.56 -4.48 20.11
N ARG B 171 27.66 -5.23 19.47
CA ARG B 171 28.03 -6.24 18.45
C ARG B 171 28.60 -5.55 17.20
N ILE B 172 28.27 -4.28 16.95
CA ILE B 172 28.91 -3.50 15.84
C ILE B 172 30.37 -3.21 16.21
N ILE B 173 30.63 -2.81 17.46
CA ILE B 173 32.00 -2.50 17.95
C ILE B 173 32.84 -3.79 17.90
N ASN B 174 32.33 -4.90 18.44
CA ASN B 174 33.03 -6.22 18.46
C ASN B 174 33.19 -6.75 17.03
N ASN B 175 32.38 -6.24 16.09
CA ASN B 175 32.27 -6.75 14.71
C ASN B 175 31.84 -8.20 14.77
N THR B 176 30.88 -8.51 15.66
CA THR B 176 30.25 -9.83 15.86
C THR B 176 28.76 -9.80 15.47
N TYR B 177 28.39 -8.96 14.50
CA TYR B 177 26.98 -8.69 14.08
C TYR B 177 26.72 -9.35 12.73
N GLU B 178 25.52 -9.86 12.48
CA GLU B 178 25.13 -10.41 11.15
C GLU B 178 24.51 -9.30 10.29
N ASN B 179 24.60 -9.45 8.98
CA ASN B 179 23.85 -8.64 8.00
C ASN B 179 23.17 -9.63 7.05
N PHE B 180 22.11 -9.21 6.36
CA PHE B 180 21.28 -10.07 5.46
C PHE B 180 20.92 -9.27 4.20
N LYS B 181 20.99 -9.90 3.03
CA LYS B 181 20.47 -9.31 1.77
C LYS B 181 19.03 -8.87 2.01
N GLN B 182 18.69 -7.65 1.61
CA GLN B 182 17.26 -7.22 1.53
C GLN B 182 16.59 -8.02 0.43
N ASN B 183 15.35 -8.49 0.66
CA ASN B 183 14.54 -9.15 -0.38
C ASN B 183 14.28 -8.14 -1.52
N ASN B 184 14.12 -8.63 -2.75
CA ASN B 184 13.68 -7.79 -3.90
C ASN B 184 12.16 -7.62 -3.83
N ILE B 185 11.44 -8.66 -3.41
CA ILE B 185 9.96 -8.66 -3.23
C ILE B 185 9.58 -7.77 -2.04
N SER B 186 8.61 -6.88 -2.24
CA SER B 186 8.05 -5.91 -1.25
C SER B 186 8.99 -4.73 -1.05
N SER B 187 10.09 -4.67 -1.82
CA SER B 187 10.98 -3.50 -1.87
C SER B 187 10.19 -2.35 -2.51
N SER B 188 10.12 -1.21 -1.84
CA SER B 188 9.48 0.01 -2.41
C SER B 188 10.30 1.25 -2.04
N TYR B 189 10.09 2.34 -2.78
CA TYR B 189 10.94 3.55 -2.73
C TYR B 189 10.10 4.77 -3.07
N PHE B 190 10.32 5.89 -2.36
CA PHE B 190 9.77 7.23 -2.69
C PHE B 190 10.92 8.24 -2.72
N SER B 191 10.94 9.04 -3.79
CA SER B 191 11.86 10.18 -3.93
C SER B 191 11.06 11.43 -3.59
N ARG B 192 11.73 12.55 -3.42
CA ARG B 192 11.11 13.81 -2.99
C ARG B 192 10.06 14.21 -4.04
N GLN B 193 10.29 13.88 -5.31
CA GLN B 193 9.41 14.28 -6.44
C GLN B 193 8.06 13.58 -6.31
N ASP B 194 8.04 12.42 -5.65
CA ASP B 194 6.85 11.54 -5.52
C ASP B 194 5.94 12.04 -4.40
N ILE B 195 6.32 13.07 -3.63
CA ILE B 195 5.45 13.64 -2.56
C ILE B 195 5.08 15.09 -2.90
N ASN B 196 3.80 15.37 -3.11
CA ASN B 196 3.32 16.75 -3.22
C ASN B 196 2.78 17.14 -1.84
N ILE B 197 3.56 17.89 -1.06
CA ILE B 197 3.17 18.40 0.28
C ILE B 197 1.75 18.98 0.18
N ASN B 198 1.46 19.73 -0.87
CA ASN B 198 0.21 20.53 -1.00
C ASN B 198 -0.81 19.78 -1.86
N HIS B 199 -0.75 18.45 -1.91
CA HIS B 199 -1.66 17.68 -2.79
C HIS B 199 -3.09 17.90 -2.32
N LYS B 200 -4.00 18.07 -3.26
CA LYS B 200 -5.44 18.24 -2.97
C LYS B 200 -5.95 16.87 -2.50
N ILE B 201 -6.81 16.88 -1.50
CA ILE B 201 -7.45 15.63 -0.98
C ILE B 201 -8.39 15.08 -2.04
N ASN B 202 -8.33 13.77 -2.30
CA ASN B 202 -9.36 13.02 -3.07
C ASN B 202 -10.40 12.52 -2.05
N PHE B 203 -11.60 13.08 -2.07
CA PHE B 203 -12.71 12.72 -1.16
C PHE B 203 -13.42 11.47 -1.70
N LYS B 204 -13.18 11.08 -2.95
CA LYS B 204 -13.75 9.83 -3.53
C LYS B 204 -12.85 8.67 -3.07
N LYS B 205 -12.69 8.58 -1.76
CA LYS B 205 -11.80 7.61 -1.09
C LYS B 205 -12.52 7.17 0.19
N THR B 206 -12.08 6.09 0.80
CA THR B 206 -12.63 5.63 2.11
C THR B 206 -12.30 6.68 3.17
N SER B 207 -13.00 6.64 4.29
CA SER B 207 -12.77 7.52 5.46
C SER B 207 -11.33 7.31 5.93
N PHE B 208 -10.87 6.06 5.98
CA PHE B 208 -9.48 5.70 6.36
C PHE B 208 -8.54 6.51 5.46
N GLU B 209 -8.79 6.52 4.15
CA GLU B 209 -7.92 7.17 3.13
C GLU B 209 -7.98 8.70 3.18
N ILE B 210 -9.16 9.26 3.40
CA ILE B 210 -9.31 10.74 3.53
C ILE B 210 -8.54 11.15 4.78
N HIS B 211 -8.76 10.42 5.89
CA HIS B 211 -8.06 10.58 7.19
C HIS B 211 -6.54 10.52 6.96
N ASN B 212 -6.08 9.55 6.17
CA ASN B 212 -4.64 9.35 5.91
C ASN B 212 -4.09 10.53 5.09
N GLN B 213 -4.85 11.01 4.10
CA GLN B 213 -4.46 12.14 3.22
C GLN B 213 -4.40 13.45 4.03
N ILE B 214 -5.08 13.55 5.18
CA ILE B 214 -4.94 14.74 6.07
C ILE B 214 -3.73 14.51 6.98
N ARG B 215 -3.70 13.40 7.72
CA ARG B 215 -2.79 13.22 8.88
C ARG B 215 -1.34 12.96 8.43
N ALA B 216 -1.13 12.41 7.23
CA ALA B 216 0.21 12.18 6.65
C ALA B 216 0.97 13.50 6.55
N PHE B 217 0.27 14.64 6.51
CA PHE B 217 0.89 15.98 6.33
C PHE B 217 0.71 16.84 7.60
N ILE B 218 0.20 16.31 8.70
CA ILE B 218 0.18 17.09 9.97
C ILE B 218 1.56 16.97 10.62
N PHE B 219 2.37 18.01 10.57
CA PHE B 219 3.74 18.05 11.14
C PHE B 219 4.12 19.53 11.31
N LYS B 220 3.60 20.11 12.38
CA LYS B 220 3.43 21.58 12.53
C LYS B 220 4.75 22.31 12.28
N GLU B 221 5.91 21.72 12.60
CA GLU B 221 7.21 22.39 12.42
C GLU B 221 7.48 22.60 10.94
N TYR B 222 6.83 21.81 10.06
CA TYR B 222 7.01 21.90 8.59
C TYR B 222 5.75 22.48 7.96
N GLN B 223 4.61 21.83 8.17
CA GLN B 223 3.31 22.31 7.64
C GLN B 223 2.15 21.62 8.35
N LEU B 224 0.98 22.22 8.22
CA LEU B 224 -0.33 21.57 8.39
C LEU B 224 -1.04 21.59 7.04
N PRO B 225 -1.86 20.56 6.74
CA PRO B 225 -2.70 20.57 5.55
C PRO B 225 -3.89 21.51 5.79
N SER B 226 -4.66 21.80 4.75
CA SER B 226 -5.84 22.69 4.86
C SER B 226 -7.05 22.03 4.22
N ILE B 227 -8.23 22.33 4.74
CA ILE B 227 -9.51 22.11 4.03
C ILE B 227 -10.26 23.45 4.03
N ASN B 228 -10.82 23.85 2.88
CA ASN B 228 -11.48 25.18 2.67
C ASN B 228 -10.61 26.29 3.27
N LYS B 229 -9.29 26.23 3.06
CA LYS B 229 -8.29 27.27 3.45
C LYS B 229 -8.27 27.49 4.96
N THR B 230 -8.53 26.44 5.74
CA THR B 230 -8.29 26.39 7.21
C THR B 230 -7.31 25.25 7.49
N LYS B 231 -6.30 25.50 8.32
CA LYS B 231 -5.26 24.50 8.66
C LYS B 231 -5.87 23.50 9.65
N ILE B 232 -5.58 22.22 9.47
CA ILE B 232 -6.07 21.11 10.33
C ILE B 232 -4.92 20.69 11.23
N ILE B 233 -5.14 20.62 12.55
CA ILE B 233 -4.11 20.23 13.56
C ILE B 233 -4.24 18.75 13.97
N LYS B 234 -5.39 18.11 13.78
CA LYS B 234 -5.61 16.68 14.17
C LYS B 234 -6.75 16.11 13.32
N SER B 235 -6.63 14.84 12.93
CA SER B 235 -7.69 14.05 12.28
C SER B 235 -8.01 12.86 13.16
N THR B 236 -9.28 12.60 13.39
CA THR B 236 -9.72 11.42 14.19
C THR B 236 -10.64 10.54 13.36
N LEU B 237 -10.27 9.28 13.16
CA LEU B 237 -11.14 8.32 12.45
C LEU B 237 -11.96 7.58 13.50
N THR B 238 -13.28 7.70 13.42
CA THR B 238 -14.26 6.90 14.22
C THR B 238 -14.76 5.73 13.39
N ASN B 239 -15.41 4.82 14.07
CA ASN B 239 -16.11 3.65 13.50
C ASN B 239 -17.61 3.95 13.40
N GLU B 240 -18.01 5.20 13.56
CA GLU B 240 -19.44 5.55 13.51
C GLU B 240 -19.83 5.80 12.05
N PHE B 241 -20.81 5.06 11.58
CA PHE B 241 -21.41 5.27 10.25
C PHE B 241 -22.31 6.51 10.29
N ILE B 242 -21.99 7.53 9.49
CA ILE B 242 -22.85 8.75 9.37
C ILE B 242 -23.45 8.90 7.95
N GLY B 243 -23.28 7.92 7.07
CA GLY B 243 -23.68 8.05 5.65
C GLY B 243 -22.49 8.23 4.75
N TYR B 244 -22.64 7.84 3.47
CA TYR B 244 -21.58 7.85 2.45
C TYR B 244 -21.31 9.32 2.09
N ASN B 245 -20.05 9.65 1.91
CA ASN B 245 -19.66 10.91 1.22
C ASN B 245 -20.27 12.15 1.90
N MET B 246 -20.04 12.35 3.19
CA MET B 246 -20.56 13.51 3.96
C MET B 246 -19.41 14.50 4.10
N PHE B 247 -19.77 15.78 4.14
CA PHE B 247 -18.83 16.89 4.39
C PHE B 247 -19.64 18.01 5.03
N GLU B 248 -19.23 18.44 6.21
CA GLU B 248 -19.89 19.50 7.00
C GLU B 248 -18.83 20.26 7.76
N GLU B 249 -18.67 21.56 7.45
CA GLU B 249 -17.84 22.52 8.19
C GLU B 249 -18.60 22.99 9.45
N PHE B 250 -18.03 22.80 10.64
CA PHE B 250 -18.47 23.44 11.92
C PHE B 250 -17.42 24.47 12.33
N GLU B 251 -17.63 25.14 13.47
CA GLU B 251 -16.79 26.25 13.94
C GLU B 251 -15.35 25.74 14.14
N GLU B 252 -15.20 24.66 14.90
CA GLU B 252 -13.90 24.17 15.39
C GLU B 252 -13.41 22.97 14.55
N TYR B 253 -14.22 22.41 13.65
CA TYR B 253 -13.86 21.12 12.97
C TYR B 253 -14.71 20.86 11.72
N PHE B 254 -14.21 19.97 10.86
CA PHE B 254 -14.94 19.38 9.71
C PHE B 254 -15.37 17.96 10.09
N MET B 255 -16.64 17.63 9.81
CA MET B 255 -17.16 16.25 9.88
C MET B 255 -17.15 15.70 8.47
N ILE B 256 -16.37 14.64 8.22
CA ILE B 256 -16.15 14.10 6.86
C ILE B 256 -16.40 12.60 6.90
N SER B 257 -17.03 12.05 5.86
CA SER B 257 -17.11 10.59 5.63
C SER B 257 -16.77 10.31 4.16
N GLY B 258 -16.13 9.17 3.94
CA GLY B 258 -15.79 8.68 2.60
C GLY B 258 -16.84 7.78 2.01
N ILE B 259 -16.41 6.95 1.06
CA ILE B 259 -17.28 6.10 0.23
C ILE B 259 -17.83 4.98 1.14
N ASP B 260 -17.21 4.73 2.30
CA ASP B 260 -17.66 3.69 3.27
C ASP B 260 -18.35 4.29 4.51
N GLY B 261 -18.42 5.59 4.64
CA GLY B 261 -19.44 6.23 5.51
C GLY B 261 -18.99 6.52 6.95
N PHE B 262 -17.73 6.29 7.32
CA PHE B 262 -17.27 6.45 8.72
C PHE B 262 -16.94 7.93 8.98
N LYS B 263 -17.38 8.42 10.15
CA LYS B 263 -17.13 9.81 10.59
C LYS B 263 -15.66 10.01 10.94
N ILE B 264 -15.10 11.07 10.35
CA ILE B 264 -13.77 11.65 10.60
C ILE B 264 -14.04 13.00 11.23
N ILE B 265 -13.37 13.33 12.34
CA ILE B 265 -13.37 14.69 12.93
C ILE B 265 -11.98 15.28 12.61
N ALA B 266 -11.93 16.26 11.71
CA ALA B 266 -10.72 17.04 11.40
C ALA B 266 -10.75 18.36 12.21
N GLN B 267 -9.91 18.47 13.24
CA GLN B 267 -9.89 19.64 14.17
C GLN B 267 -9.20 20.82 13.46
N LYS B 268 -9.88 21.97 13.37
CA LYS B 268 -9.29 23.21 12.80
C LYS B 268 -8.23 23.79 13.75
N TYR B 269 -7.17 24.39 13.21
CA TYR B 269 -6.25 25.33 13.90
C TYR B 269 -7.04 26.53 14.44
N ASN B 270 -6.73 27.06 15.63
CA ASN B 270 -7.50 28.15 16.27
C ASN B 270 -6.64 28.98 17.23
N ALA B 271 -6.12 30.13 16.78
CA ALA B 271 -5.43 31.14 17.62
C ALA B 271 -6.26 31.43 18.89
N1 FON C . -24.72 -2.32 -5.61
C2 FON C . -24.39 -1.70 -4.45
NA2 FON C . -25.26 -0.84 -3.92
N3 FON C . -23.25 -1.97 -3.85
C4 FON C . -22.36 -2.85 -4.42
O4 FON C . -21.31 -3.06 -3.79
C4A FON C . -22.64 -3.49 -5.61
N5 FON C . -21.72 -4.33 -6.32
C6 FON C . -21.98 -4.53 -7.74
C7 FON C . -23.44 -4.82 -7.98
N8 FON C . -24.24 -3.78 -7.37
C8A FON C . -23.87 -3.19 -6.20
C9 FON C . -21.69 -3.27 -8.59
N10 FON C . -20.32 -2.83 -8.67
C11 FON C . -19.36 0.88 -10.36
C12 FON C . -20.43 0.14 -10.83
C13 FON C . -20.76 -1.08 -10.28
C14 FON C . -19.99 -1.61 -9.24
C15 FON C . -18.93 -0.87 -8.76
C16 FON C . -18.62 0.36 -9.31
C FON C . -19.05 2.24 -10.95
O FON C . -19.81 2.72 -11.76
N FON C . -18.02 2.93 -10.43
CA FON C . -17.70 4.31 -10.81
CB FON C . -17.95 5.33 -9.69
CG FON C . -19.39 5.77 -9.55
CD FON C . -19.70 6.52 -8.27
OE1 FON C . -18.80 7.25 -7.80
OE2 FON C . -20.81 6.36 -7.72
CT FON C . -16.20 4.39 -11.17
O1 FON C . -15.46 3.54 -10.66
O2 FON C . -15.85 5.34 -11.89
CP1 FON C . -20.48 -4.80 -5.91
O3 FON C . -19.67 -5.25 -6.72
O2B T3F D . -12.27 -5.37 -11.94
PB T3F D . -13.34 -4.56 -12.58
O1B T3F D . -13.09 -3.16 -13.06
O3B T3F D . -14.60 -4.60 -11.58
C1Q T3F D . -15.64 -3.66 -11.63
O5Q T3F D . -16.51 -3.83 -12.74
C5Q T3F D . -17.20 -5.10 -12.75
C6Q T3F D . -17.94 -5.17 -14.06
C2Q T3F D . -16.39 -3.77 -10.32
O2Q T3F D . -15.43 -3.80 -9.28
C3Q T3F D . -17.27 -5.01 -10.25
N3Q T3F D . -18.13 -4.90 -9.06
C4Q T3F D . -18.10 -5.18 -11.53
O4Q T3F D . -19.08 -4.14 -11.63
O3A T3F D . -13.92 -5.42 -13.77
PA T3F D . -13.96 -5.38 -15.37
O1A T3F D . -14.78 -6.58 -15.70
O2A T3F D . -14.31 -3.99 -15.82
O5' T3F D . -12.45 -5.70 -15.74
C5' T3F D . -11.84 -6.79 -15.06
C4' T3F D . -10.35 -6.57 -15.10
O4' T3F D . -9.93 -6.37 -16.47
C3' T3F D . -9.85 -5.34 -14.36
O3' T3F D . -9.80 -5.58 -12.94
C2' T3F D . -8.49 -5.18 -15.03
C1' T3F D . -8.77 -5.56 -16.48
N1 T3F D . -9.05 -4.41 -17.36
C2 T3F D . -7.99 -3.81 -18.00
O2 T3F D . -6.83 -4.19 -17.86
N3 T3F D . -8.30 -2.72 -18.74
C6 T3F D . -10.33 -3.91 -17.51
C5 T3F D . -10.64 -2.85 -18.26
C5M T3F D . -12.02 -2.31 -18.40
C4 T3F D . -9.55 -2.17 -18.94
O4 T3F D . -9.66 -1.16 -19.64
O1 MES E . -23.77 -27.74 -20.42
C2 MES E . -24.43 -26.54 -20.01
C3 MES E . -25.49 -26.82 -18.96
N4 MES E . -25.98 -28.22 -19.06
C5 MES E . -24.86 -29.16 -18.77
C6 MES E . -23.56 -28.62 -19.32
C7 MES E . -27.21 -28.48 -18.23
C8 MES E . -27.02 -28.47 -16.73
S MES E . -28.14 -29.59 -15.90
O1S MES E . -27.36 -30.74 -15.56
O2S MES E . -29.18 -29.88 -16.83
O3S MES E . -28.63 -28.90 -14.73
C1 EDO F . -13.15 -5.86 -23.93
O1 EDO F . -14.57 -5.84 -24.07
C2 EDO F . -12.66 -7.19 -23.50
O2 EDO F . -13.09 -8.22 -24.36
C1 EDO G . 2.58 -2.53 0.49
O1 EDO G . 2.77 -2.45 1.90
C2 EDO G . 1.22 -2.96 0.08
O2 EDO G . 0.18 -2.60 0.98
C1 EDO H . -22.84 5.85 -2.62
O1 EDO H . -24.02 6.64 -2.41
C2 EDO H . -22.99 4.74 -3.62
O2 EDO H . -22.98 5.17 -4.99
C1 EDO I . -29.96 -8.16 -22.04
O1 EDO I . -31.21 -8.55 -22.63
C2 EDO I . -29.29 -7.03 -22.76
O2 EDO I . -27.91 -6.86 -22.43
N1 FON J . 24.71 6.77 1.52
C2 FON J . 24.43 5.59 0.88
NA2 FON J . 25.30 5.15 -0.02
N3 FON J . 23.32 4.91 1.14
C4 FON J . 22.41 5.38 2.07
O4 FON J . 21.41 4.67 2.25
C4A FON J . 22.66 6.59 2.77
N5 FON J . 21.77 7.18 3.74
C6 FON J . 22.03 8.58 4.20
C7 FON J . 23.53 8.79 4.37
N8 FON J . 24.18 8.44 3.12
C8A FON J . 23.86 7.29 2.47
C9 FON J . 21.49 9.65 3.23
N10 FON J . 20.09 9.55 2.84
C11 FON J . 18.53 11.69 -0.39
C12 FON J . 19.62 12.17 0.33
C13 FON J . 20.14 11.47 1.40
C14 FON J . 19.56 10.25 1.78
C15 FON J . 18.47 9.75 1.06
C16 FON J . 17.96 10.47 0.00
C FON J . 18.00 12.49 -1.55
O FON J . 18.17 13.70 -1.61
N FON J . 17.37 11.81 -2.53
CA FON J . 16.78 12.44 -3.69
CB FON J . 17.12 11.71 -5.00
CG FON J . 18.52 11.09 -5.01
CD FON J . 18.76 10.22 -6.24
OE1 FON J . 17.91 10.23 -7.11
OE2 FON J . 19.81 9.54 -6.31
CT FON J . 15.24 12.51 -3.57
O1 FON J . 14.67 11.60 -2.95
O2 FON J . 14.66 13.44 -4.14
CP1 FON J . 20.65 6.61 4.27
O3 FON J . 19.69 7.29 4.67
O2B T3F K . 12.37 12.08 6.47
PB T3F K . 13.22 12.75 5.44
O1B T3F K . 12.74 13.04 4.06
O3B T3F K . 14.53 11.87 5.37
C1Q T3F K . 15.52 12.10 4.41
O5Q T3F K . 16.39 13.17 4.80
C5Q T3F K . 17.12 12.95 6.03
C6Q T3F K . 17.91 14.20 6.32
C2Q T3F K . 16.29 10.79 4.28
O2Q T3F K . 15.37 9.70 4.06
C3Q T3F K . 17.10 10.50 5.52
N3Q T3F K . 17.87 9.27 5.35
C4Q T3F K . 17.98 11.69 5.89
O4Q T3F K . 18.96 11.88 4.87
O3A T3F K . 13.87 14.13 5.89
PA T3F K . 13.73 15.29 6.94
O1A T3F K . 14.60 14.91 8.10
O2A T3F K . 13.99 16.53 6.14
O5' T3F K . 12.20 15.22 7.36
C5' T3F K . 11.75 14.42 8.49
C4' T3F K . 10.26 14.23 8.39
O4' T3F K . 9.59 15.51 8.52
C3' T3F K . 9.76 13.67 7.05
O3' T3F K . 9.74 12.24 7.07
C2' T3F K . 8.34 14.22 6.98
C1' T3F K . 8.43 15.56 7.70
N1 T3F K . 8.53 16.71 6.76
C2 T3F K . 7.36 17.33 6.39
O2 T3F K . 6.27 17.00 6.82
N3 T3F K . 7.50 18.37 5.50
C6 T3F K . 9.74 17.12 6.23
C5 T3F K . 9.87 18.13 5.35
C5M T3F K . 11.19 18.57 4.79
C4 T3F K . 8.68 18.83 4.93
O4 T3F K . 8.63 19.78 4.14
C1 EDO L . -18.42 6.44 -4.15
O1 EDO L . -19.49 6.31 -3.21
C2 EDO L . -18.05 7.85 -4.45
O2 EDO L . -19.08 8.50 -5.17
#